data_9JPI
#
_entry.id   9JPI
#
_cell.length_a   135.890
_cell.length_b   135.890
_cell.length_c   66.640
_cell.angle_alpha   90.000
_cell.angle_beta   90.000
_cell.angle_gamma   90.000
#
_symmetry.space_group_name_H-M   'P 42 21 2'
#
loop_
_entity.id
_entity.type
_entity.pdbx_description
1 polymer 'Dihydroxy-acid dehydratase, chloroplastic'
2 non-polymer 'MAGNESIUM ION'
3 non-polymer 'SULFATE ION'
4 non-polymer 'Aspterric Acid'
5 non-polymer 'FE2/S2 (INORGANIC) CLUSTER'
6 water water
#
_entity_poly.entity_id   1
_entity_poly.type   'polypeptide(L)'
_entity_poly.pdbx_seq_one_letter_code
;GSIISCSAQSVTADPSPPITDTNKLNKYSSRITEPKSQGGSQAILHGVGLSDDDLLKPQIGISSVWYEGNTCNMHLLKLS
EAVKEGVENAGMVGFRFNTIGVSDAISMGTRGMCFSLQSRDLIADSIETVMSAQWYDGNISIPGCDKNMPGTIMAMGRLN
RPGIMVYGGTIKPGHFQDKTYDIVSAFQSYGEFVSGSISDEQRKTVLHHSCPGAGACGGMYTANTMASAIEAMGMSLPYS
SSIPAEDPLKLDECRLAGKYLLELLKMDLKPRDIITPKSLRNAMVSVMALGGSTNAVLHLIAIARSVGLELTLDDFQKVS
DAVPFLADLKPSGKYVMEDIHKIGGTPAVLRYLLELGLMDGDCMTVTGQTLAQNLENVPSLTEGQEIIRPLSNPIKETGH
IQILRGDLAPDGSVAKITGKEGLYFSGPALVFEGEESMLAAISADPMSFKGTVVVIRGEGPKGGPGMPEMLTPTSAIMGA
GLGKECALLTDGRFSGGSHGFVVGHICPEAQEGGPIGLIKNGDIITIDIGAARIDTQVSPEEMNDRRKKWTAPAYKVNRG
VLYKYIKNVQSASDGCVTDE
;
_entity_poly.pdbx_strand_id   A
#
loop_
_chem_comp.id
_chem_comp.type
_chem_comp.name
_chem_comp.formula
FES non-polymer 'FE2/S2 (INORGANIC) CLUSTER' 'Fe2 S2'
K0O non-polymer 'Aspterric Acid' 'C15 H22 O4'
MG non-polymer 'MAGNESIUM ION' 'Mg 2'
SO4 non-polymer 'SULFATE ION' 'O4 S -2'
#
# COMPACT_ATOMS: atom_id res chain seq x y z
N GLN A 9 -6.37 7.44 -21.46
CA GLN A 9 -6.37 8.59 -20.56
C GLN A 9 -7.76 9.19 -20.40
N SER A 10 -8.64 8.94 -21.37
CA SER A 10 -10.03 9.38 -21.27
C SER A 10 -10.82 8.36 -20.45
N VAL A 11 -10.98 8.64 -19.17
CA VAL A 11 -11.68 7.74 -18.26
C VAL A 11 -13.18 8.05 -18.31
N THR A 12 -13.99 7.01 -18.49
CA THR A 12 -15.45 7.10 -18.41
C THR A 12 -15.90 6.07 -17.39
N ALA A 13 -16.30 6.52 -16.20
CA ALA A 13 -16.64 5.58 -15.13
C ALA A 13 -17.91 6.01 -14.43
N ASP A 14 -17.99 7.28 -14.03
CA ASP A 14 -18.99 7.78 -13.10
C ASP A 14 -19.72 8.99 -13.66
N PRO A 15 -20.88 9.33 -13.11
CA PRO A 15 -21.69 10.41 -13.69
C PRO A 15 -20.97 11.75 -13.64
N SER A 16 -21.24 12.57 -14.63
CA SER A 16 -20.75 13.93 -14.62
C SER A 16 -21.82 14.88 -14.08
N PRO A 17 -21.44 16.07 -13.61
CA PRO A 17 -22.42 16.92 -12.93
C PRO A 17 -23.42 17.48 -13.92
N PRO A 18 -24.67 17.71 -13.50
CA PRO A 18 -25.73 18.22 -14.40
C PRO A 18 -25.45 19.65 -14.85
N ASP A 21 -22.74 24.03 -13.16
CA ASP A 21 -22.11 25.26 -13.61
C ASP A 21 -20.92 25.64 -12.71
N THR A 22 -20.05 26.51 -13.21
CA THR A 22 -18.88 26.91 -12.46
C THR A 22 -19.28 27.72 -11.23
N ASN A 23 -18.43 27.67 -10.20
CA ASN A 23 -18.59 28.40 -8.94
C ASN A 23 -19.66 27.78 -8.03
N LYS A 24 -20.63 27.07 -8.60
CA LYS A 24 -21.53 26.24 -7.81
C LYS A 24 -20.74 25.30 -6.90
N LEU A 25 -21.10 25.26 -5.62
CA LEU A 25 -20.39 24.35 -4.70
C LEU A 25 -21.03 22.97 -4.63
N ASN A 26 -22.30 22.84 -5.03
CA ASN A 26 -23.01 21.56 -5.00
C ASN A 26 -23.21 21.05 -6.43
N LYS A 27 -22.11 20.87 -7.16
CA LYS A 27 -22.20 20.53 -8.57
C LYS A 27 -22.92 19.21 -8.80
N TYR A 28 -22.74 18.24 -7.90
CA TYR A 28 -23.36 16.94 -8.09
C TYR A 28 -24.68 16.80 -7.35
N SER A 29 -24.74 17.24 -6.08
CA SER A 29 -25.95 17.00 -5.31
C SER A 29 -27.12 17.84 -5.80
N SER A 30 -26.86 18.97 -6.48
CA SER A 30 -27.93 19.71 -7.13
C SER A 30 -28.74 18.85 -8.07
N ARG A 31 -28.15 17.76 -8.59
CA ARG A 31 -28.90 16.84 -9.43
C ARG A 31 -30.14 16.32 -8.72
N ILE A 32 -30.08 16.13 -7.42
CA ILE A 32 -31.21 15.56 -6.70
C ILE A 32 -31.86 16.56 -5.74
N THR A 33 -31.16 17.63 -5.35
CA THR A 33 -31.74 18.57 -4.38
C THR A 33 -32.53 19.68 -5.05
N GLU A 34 -32.34 19.92 -6.34
CA GLU A 34 -32.91 21.11 -7.00
C GLU A 34 -34.09 20.84 -7.95
N PRO A 35 -34.09 19.79 -8.77
CA PRO A 35 -35.22 19.61 -9.69
C PRO A 35 -36.47 19.16 -8.96
N LYS A 36 -37.60 19.78 -9.32
CA LYS A 36 -38.88 19.33 -8.77
C LYS A 36 -39.16 17.89 -9.15
N SER A 37 -38.60 17.42 -10.26
CA SER A 37 -38.76 16.04 -10.69
C SER A 37 -38.04 15.04 -9.79
N GLN A 38 -37.22 15.51 -8.86
CA GLN A 38 -36.54 14.63 -7.90
C GLN A 38 -37.09 14.83 -6.49
N GLY A 39 -38.39 15.11 -6.37
CA GLY A 39 -39.00 15.27 -5.06
C GLY A 39 -38.88 14.03 -4.18
N GLY A 40 -38.91 12.84 -4.79
CA GLY A 40 -38.68 11.63 -4.02
C GLY A 40 -37.33 11.64 -3.31
N SER A 41 -36.27 12.00 -4.05
CA SER A 41 -34.94 12.15 -3.45
C SER A 41 -34.97 13.16 -2.30
N GLN A 42 -35.60 14.30 -2.52
CA GLN A 42 -35.64 15.32 -1.47
C GLN A 42 -36.44 14.84 -0.25
N ALA A 43 -37.47 14.00 -0.45
CA ALA A 43 -38.21 13.50 0.70
C ALA A 43 -37.36 12.57 1.56
N ILE A 44 -36.58 11.69 0.93
CA ILE A 44 -35.62 10.88 1.68
C ILE A 44 -34.68 11.77 2.47
N LEU A 45 -34.15 12.81 1.81
CA LEU A 45 -33.16 13.67 2.45
C LEU A 45 -33.74 14.42 3.65
N HIS A 46 -34.99 14.91 3.52
CA HIS A 46 -35.68 15.45 4.69
C HIS A 46 -35.79 14.40 5.78
N GLY A 47 -36.15 13.16 5.38
CA GLY A 47 -36.29 12.10 6.35
C GLY A 47 -35.03 11.79 7.14
N VAL A 48 -33.86 11.95 6.51
CA VAL A 48 -32.61 11.72 7.24
C VAL A 48 -32.15 12.98 7.96
N GLY A 49 -32.92 14.06 7.90
CA GLY A 49 -32.69 15.19 8.76
C GLY A 49 -32.33 16.51 8.07
N LEU A 50 -32.39 16.57 6.74
CA LEU A 50 -32.01 17.79 6.05
C LEU A 50 -33.17 18.78 6.04
N SER A 51 -32.87 20.04 6.36
CA SER A 51 -33.82 21.12 6.20
C SER A 51 -33.83 21.60 4.77
N ASP A 52 -34.78 22.50 4.46
CA ASP A 52 -34.78 23.13 3.15
C ASP A 52 -33.47 23.89 2.92
N ASP A 53 -32.98 24.57 3.96
CA ASP A 53 -31.71 25.26 3.82
CA ASP A 53 -31.70 25.25 3.85
C ASP A 53 -30.56 24.25 3.63
N ASP A 54 -30.60 23.11 4.32
CA ASP A 54 -29.56 22.10 4.14
C ASP A 54 -29.46 21.61 2.70
N LEU A 55 -30.59 21.61 1.97
CA LEU A 55 -30.60 21.11 0.59
C LEU A 55 -29.78 21.98 -0.35
N LEU A 56 -29.49 23.22 0.04
CA LEU A 56 -28.70 24.12 -0.78
C LEU A 56 -27.20 23.87 -0.65
N LYS A 57 -26.78 23.14 0.40
CA LYS A 57 -25.39 22.95 0.78
C LYS A 57 -24.72 21.83 0.00
N PRO A 58 -23.40 21.86 -0.09
CA PRO A 58 -22.68 20.69 -0.63
C PRO A 58 -22.83 19.51 0.31
N GLN A 59 -22.77 18.31 -0.28
CA GLN A 59 -22.90 17.05 0.45
C GLN A 59 -21.59 16.27 0.32
N ILE A 60 -21.00 15.93 1.46
CA ILE A 60 -19.70 15.29 1.53
C ILE A 60 -19.92 13.84 1.95
N GLY A 61 -19.53 12.91 1.09
CA GLY A 61 -19.48 11.52 1.49
C GLY A 61 -18.27 11.27 2.35
N ILE A 62 -18.49 10.82 3.58
CA ILE A 62 -17.42 10.58 4.53
C ILE A 62 -17.30 9.05 4.64
N SER A 63 -16.28 8.49 3.98
CA SER A 63 -16.11 7.03 3.87
C SER A 63 -14.98 6.55 4.77
N SER A 64 -15.34 5.91 5.88
CA SER A 64 -14.41 5.27 6.80
C SER A 64 -14.30 3.79 6.51
N VAL A 65 -13.24 3.17 7.02
CA VAL A 65 -13.06 1.73 6.92
C VAL A 65 -13.00 1.16 8.34
N TRP A 66 -13.97 1.53 9.17
CA TRP A 66 -14.03 1.00 10.52
C TRP A 66 -14.45 -0.47 10.51
N TYR A 67 -13.79 -1.26 11.35
CA TYR A 67 -14.34 -2.54 11.81
C TYR A 67 -13.62 -2.91 13.11
N GLU A 68 -14.29 -3.76 13.89
CA GLU A 68 -13.87 -3.97 15.27
C GLU A 68 -12.79 -5.03 15.40
N GLY A 69 -12.59 -5.86 14.39
CA GLY A 69 -11.68 -6.99 14.52
C GLY A 69 -10.24 -6.70 14.14
N ASN A 70 -9.86 -5.44 14.08
CA ASN A 70 -8.47 -5.11 13.76
C ASN A 70 -8.08 -3.83 14.49
N THR A 71 -6.89 -3.83 15.09
CA THR A 71 -6.42 -2.64 15.81
C THR A 71 -6.27 -1.44 14.86
N CYS A 72 -5.83 -1.69 13.61
CA CYS A 72 -5.70 -0.59 12.65
C CYS A 72 -7.02 0.11 12.34
N ASN A 73 -8.17 -0.53 12.59
CA ASN A 73 -9.44 0.00 12.11
C ASN A 73 -10.49 0.24 13.19
N MET A 74 -10.26 -0.19 14.43
CA MET A 74 -11.34 -0.15 15.41
C MET A 74 -11.67 1.26 15.88
N HIS A 75 -10.78 2.22 15.68
CA HIS A 75 -10.98 3.59 16.12
C HIS A 75 -11.58 4.51 15.07
N LEU A 76 -11.84 4.00 13.85
CA LEU A 76 -12.12 4.91 12.73
C LEU A 76 -13.53 5.47 12.77
N LEU A 77 -14.45 4.87 13.50
CA LEU A 77 -15.77 5.48 13.65
C LEU A 77 -15.68 6.73 14.49
N LYS A 78 -14.88 6.70 15.57
CA LYS A 78 -14.67 7.92 16.35
C LYS A 78 -14.06 9.02 15.50
N LEU A 79 -13.11 8.69 14.63
CA LEU A 79 -12.55 9.73 13.72
C LEU A 79 -13.62 10.23 12.75
N SER A 80 -14.48 9.34 12.26
CA SER A 80 -15.52 9.72 11.27
C SER A 80 -16.48 10.73 11.87
N GLU A 81 -16.79 10.58 13.15
CA GLU A 81 -17.68 11.53 13.86
C GLU A 81 -17.02 12.90 13.86
N ALA A 82 -15.71 12.94 14.13
CA ALA A 82 -15.01 14.22 14.10
C ALA A 82 -14.99 14.83 12.71
N VAL A 83 -14.78 14.01 11.66
CA VAL A 83 -14.82 14.53 10.30
C VAL A 83 -16.19 15.13 10.00
N LYS A 84 -17.26 14.41 10.36
CA LYS A 84 -18.60 14.94 10.12
C LYS A 84 -18.82 16.27 10.85
N GLU A 85 -18.40 16.36 12.12
CA GLU A 85 -18.59 17.61 12.85
C GLU A 85 -17.85 18.76 12.17
N GLY A 86 -16.62 18.53 11.69
CA GLY A 86 -15.92 19.56 10.95
C GLY A 86 -16.58 19.92 9.63
N VAL A 87 -17.17 18.93 8.96
CA VAL A 87 -17.88 19.20 7.71
C VAL A 87 -19.06 20.14 7.98
N GLU A 88 -19.78 19.86 9.06
CA GLU A 88 -20.92 20.72 9.42
C GLU A 88 -20.45 22.10 9.82
N ASN A 89 -19.37 22.18 10.61
CA ASN A 89 -18.82 23.49 11.01
C ASN A 89 -18.30 24.29 9.82
N ALA A 90 -18.14 23.68 8.65
CA ALA A 90 -17.72 24.40 7.45
C ALA A 90 -18.89 24.70 6.54
N GLY A 91 -20.12 24.56 7.03
CA GLY A 91 -21.28 24.93 6.26
C GLY A 91 -21.76 23.89 5.26
N MET A 92 -21.36 22.62 5.40
CA MET A 92 -21.76 21.59 4.46
C MET A 92 -22.49 20.47 5.19
N VAL A 93 -23.03 19.54 4.39
CA VAL A 93 -23.74 18.38 4.90
C VAL A 93 -22.80 17.18 4.85
N GLY A 94 -22.66 16.47 5.97
CA GLY A 94 -21.82 15.30 6.05
C GLY A 94 -22.64 14.02 6.13
N PHE A 95 -22.35 13.09 5.21
CA PHE A 95 -23.04 11.80 5.17
C PHE A 95 -22.01 10.68 5.34
N ARG A 96 -22.02 10.04 6.50
CA ARG A 96 -21.04 9.00 6.78
C ARG A 96 -21.49 7.69 6.13
N PHE A 97 -20.52 6.96 5.58
CA PHE A 97 -20.72 5.57 5.20
C PHE A 97 -19.40 4.84 5.41
N ASN A 98 -19.44 3.51 5.33
CA ASN A 98 -18.33 2.71 5.79
C ASN A 98 -18.18 1.50 4.88
N THR A 99 -16.95 1.18 4.48
CA THR A 99 -16.74 -0.01 3.68
CA THR A 99 -16.64 0.01 3.66
C THR A 99 -16.01 -1.07 4.51
N ILE A 100 -15.68 -2.19 3.87
CA ILE A 100 -15.01 -3.28 4.55
C ILE A 100 -13.50 -3.09 4.43
N GLY A 101 -12.74 -3.86 5.21
CA GLY A 101 -11.30 -3.97 5.10
C GLY A 101 -10.91 -5.28 5.76
N VAL A 102 -9.68 -5.73 5.51
CA VAL A 102 -9.19 -6.95 6.12
C VAL A 102 -7.81 -6.70 6.74
N SER A 103 -7.45 -7.54 7.71
CA SER A 103 -6.23 -7.39 8.50
C SER A 103 -5.17 -8.36 7.98
N ASP A 104 -4.10 -7.80 7.44
CA ASP A 104 -2.96 -8.63 7.00
C ASP A 104 -2.32 -9.30 8.22
N ALA A 105 -2.23 -8.60 9.35
CA ALA A 105 -1.64 -9.20 10.54
C ALA A 105 -2.43 -10.42 11.01
N ILE A 106 -3.76 -10.35 10.93
CA ILE A 106 -4.55 -11.51 11.35
C ILE A 106 -4.46 -12.63 10.32
N SER A 107 -4.56 -12.32 9.03
CA SER A 107 -4.69 -13.39 8.05
CA SER A 107 -4.69 -13.34 8.00
C SER A 107 -3.36 -13.93 7.56
N MET A 108 -2.26 -13.24 7.80
CA MET A 108 -0.93 -13.70 7.37
C MET A 108 -0.68 -15.14 7.83
N GLY A 109 -0.18 -15.96 6.92
CA GLY A 109 0.05 -17.37 7.20
C GLY A 109 -1.13 -18.29 6.93
N THR A 110 -2.27 -17.75 6.47
CA THR A 110 -3.47 -18.53 6.27
C THR A 110 -4.05 -18.26 4.90
N ARG A 111 -5.01 -19.09 4.50
CA ARG A 111 -5.70 -18.92 3.22
C ARG A 111 -6.52 -17.63 3.17
N GLY A 112 -6.87 -17.06 4.33
CA GLY A 112 -7.53 -15.77 4.33
C GLY A 112 -6.73 -14.69 3.61
N MET A 113 -5.40 -14.83 3.57
CA MET A 113 -4.55 -13.83 2.91
C MET A 113 -4.82 -13.71 1.41
N CYS A 114 -5.39 -14.75 0.80
CA CYS A 114 -5.78 -14.67 -0.60
C CYS A 114 -6.83 -13.60 -0.85
N PHE A 115 -7.50 -13.14 0.20
CA PHE A 115 -8.54 -12.14 0.09
C PHE A 115 -8.05 -10.72 0.35
N SER A 116 -6.75 -10.55 0.64
CA SER A 116 -6.28 -9.26 1.16
C SER A 116 -6.03 -8.22 0.06
N LEU A 117 -5.18 -8.53 -0.93
CA LEU A 117 -4.89 -7.52 -1.95
C LEU A 117 -6.16 -7.04 -2.64
N GLN A 118 -7.04 -7.99 -3.04
CA GLN A 118 -8.24 -7.62 -3.79
C GLN A 118 -9.18 -6.71 -3.01
N SER A 119 -9.09 -6.72 -1.67
CA SER A 119 -9.93 -5.82 -0.90
C SER A 119 -9.59 -4.35 -1.18
N ARG A 120 -8.36 -4.06 -1.63
CA ARG A 120 -8.09 -2.70 -2.10
C ARG A 120 -9.04 -2.32 -3.23
N ASP A 121 -9.22 -3.22 -4.20
CA ASP A 121 -10.05 -2.88 -5.34
C ASP A 121 -11.54 -2.96 -5.03
N LEU A 122 -11.92 -3.82 -4.08
CA LEU A 122 -13.29 -3.82 -3.58
C LEU A 122 -13.62 -2.51 -2.87
N ILE A 123 -12.67 -1.95 -2.11
CA ILE A 123 -12.88 -0.67 -1.44
C ILE A 123 -13.06 0.45 -2.46
N ALA A 124 -12.20 0.48 -3.48
CA ALA A 124 -12.37 1.45 -4.56
C ALA A 124 -13.76 1.36 -5.19
N ASP A 125 -14.19 0.14 -5.57
CA ASP A 125 -15.54 -0.04 -6.13
C ASP A 125 -16.63 0.44 -5.19
N SER A 126 -16.45 0.19 -3.89
CA SER A 126 -17.48 0.50 -2.89
CA SER A 126 -17.48 0.50 -2.92
C SER A 126 -17.69 2.00 -2.75
N ILE A 127 -16.59 2.75 -2.61
CA ILE A 127 -16.71 4.19 -2.45
C ILE A 127 -17.18 4.84 -3.74
N GLU A 128 -16.67 4.37 -4.88
CA GLU A 128 -17.15 4.84 -6.18
C GLU A 128 -18.65 4.65 -6.29
N THR A 129 -19.13 3.46 -5.91
CA THR A 129 -20.56 3.14 -6.02
C THR A 129 -21.40 4.14 -5.23
N VAL A 130 -21.03 4.38 -3.95
CA VAL A 130 -21.86 5.23 -3.10
C VAL A 130 -21.82 6.69 -3.56
N MET A 131 -20.62 7.22 -3.82
CA MET A 131 -20.52 8.59 -4.33
C MET A 131 -21.33 8.79 -5.61
N SER A 132 -21.31 7.80 -6.50
CA SER A 132 -22.07 7.97 -7.75
C SER A 132 -23.56 7.91 -7.50
N ALA A 133 -24.02 6.91 -6.72
CA ALA A 133 -25.46 6.73 -6.57
C ALA A 133 -26.11 7.85 -5.76
N GLN A 134 -25.41 8.39 -4.77
CA GLN A 134 -25.99 9.38 -3.86
C GLN A 134 -25.69 10.82 -4.30
N TRP A 135 -24.91 11.01 -5.37
CA TRP A 135 -24.64 12.34 -5.95
C TRP A 135 -23.90 13.27 -4.99
N TYR A 136 -22.96 12.72 -4.23
CA TYR A 136 -22.21 13.56 -3.30
C TYR A 136 -21.18 14.41 -4.06
N ASP A 137 -20.94 15.62 -3.52
CA ASP A 137 -20.09 16.61 -4.19
C ASP A 137 -18.60 16.41 -3.91
N GLY A 138 -18.26 15.83 -2.77
CA GLY A 138 -16.88 15.68 -2.37
C GLY A 138 -16.75 14.49 -1.44
N ASN A 139 -15.51 14.12 -1.13
CA ASN A 139 -15.26 12.94 -0.33
C ASN A 139 -14.17 13.20 0.70
N ILE A 140 -14.38 12.69 1.90
CA ILE A 140 -13.29 12.56 2.88
C ILE A 140 -13.24 11.09 3.29
N SER A 141 -12.09 10.45 3.08
CA SER A 141 -11.94 9.04 3.39
C SER A 141 -11.05 8.87 4.61
N ILE A 142 -11.41 7.90 5.44
CA ILE A 142 -10.62 7.61 6.64
C ILE A 142 -10.22 6.13 6.60
N PRO A 143 -9.16 5.81 5.88
CA PRO A 143 -8.63 4.45 5.91
C PRO A 143 -7.75 4.30 7.16
N GLY A 144 -7.43 3.06 7.51
CA GLY A 144 -6.48 2.92 8.60
C GLY A 144 -5.38 1.88 8.42
N CYS A 145 -5.40 1.16 7.30
CA CYS A 145 -4.69 -0.12 7.21
C CYS A 145 -4.25 -0.32 5.76
N ASP A 146 -3.14 -1.02 5.59
CA ASP A 146 -2.48 -1.29 4.29
C ASP A 146 -3.26 -0.98 3.02
N LYS A 147 -4.08 -1.93 2.59
CA LYS A 147 -4.72 -1.79 1.29
C LYS A 147 -5.81 -0.72 1.31
N ASN A 148 -6.35 -0.37 2.47
CA ASN A 148 -7.42 0.62 2.51
C ASN A 148 -7.01 1.89 1.80
N MET A 149 -5.80 2.37 2.10
CA MET A 149 -5.37 3.68 1.60
CA MET A 149 -5.38 3.68 1.60
C MET A 149 -5.43 3.77 0.09
N PRO A 150 -4.67 2.98 -0.69
CA PRO A 150 -4.79 3.14 -2.15
C PRO A 150 -6.20 2.88 -2.65
N GLY A 151 -6.95 1.99 -2.01
CA GLY A 151 -8.34 1.80 -2.39
C GLY A 151 -9.15 3.08 -2.36
N THR A 152 -8.96 3.91 -1.32
CA THR A 152 -9.73 5.14 -1.29
C THR A 152 -9.27 6.13 -2.36
N ILE A 153 -7.96 6.18 -2.64
CA ILE A 153 -7.46 7.14 -3.64
C ILE A 153 -7.93 6.74 -5.04
N MET A 154 -7.93 5.45 -5.34
CA MET A 154 -8.42 4.97 -6.64
C MET A 154 -9.86 5.38 -6.89
N ALA A 155 -10.71 5.27 -5.86
CA ALA A 155 -12.09 5.73 -5.99
C ALA A 155 -12.14 7.24 -6.27
N MET A 156 -11.33 8.02 -5.54
CA MET A 156 -11.29 9.45 -5.79
C MET A 156 -10.83 9.77 -7.20
N GLY A 157 -9.89 8.98 -7.74
CA GLY A 157 -9.41 9.22 -9.10
C GLY A 157 -10.46 8.93 -10.16
N ARG A 158 -11.22 7.84 -9.98
CA ARG A 158 -12.30 7.50 -10.90
C ARG A 158 -13.38 8.57 -10.91
N LEU A 159 -13.79 9.04 -9.72
CA LEU A 159 -14.85 10.03 -9.60
C LEU A 159 -14.38 11.42 -10.02
N ASN A 160 -13.13 11.74 -9.73
CA ASN A 160 -12.57 13.07 -9.96
C ASN A 160 -13.42 14.17 -9.32
N ARG A 161 -13.89 13.91 -8.09
CA ARG A 161 -14.54 14.91 -7.27
C ARG A 161 -13.61 15.29 -6.13
N PRO A 162 -13.63 16.54 -5.70
CA PRO A 162 -12.70 16.97 -4.63
C PRO A 162 -12.72 16.02 -3.45
N GLY A 163 -11.53 15.67 -2.96
CA GLY A 163 -11.41 14.66 -1.93
C GLY A 163 -10.13 14.80 -1.15
N ILE A 164 -10.18 14.36 0.11
CA ILE A 164 -9.04 14.37 1.02
C ILE A 164 -9.02 13.00 1.70
N MET A 165 -7.83 12.38 1.76
CA MET A 165 -7.61 11.18 2.56
C MET A 165 -7.08 11.57 3.94
N VAL A 166 -7.78 11.16 5.00
CA VAL A 166 -7.29 11.27 6.37
C VAL A 166 -6.77 9.90 6.80
N TYR A 167 -5.45 9.77 6.92
CA TYR A 167 -4.86 8.54 7.42
C TYR A 167 -5.31 8.28 8.86
N GLY A 168 -5.68 7.04 9.15
CA GLY A 168 -6.09 6.71 10.51
C GLY A 168 -4.97 6.86 11.53
N GLY A 169 -3.72 6.78 11.09
CA GLY A 169 -2.59 6.96 11.96
C GLY A 169 -2.03 5.63 12.46
N THR A 170 -0.77 5.69 12.90
CA THR A 170 -0.02 4.50 13.29
C THR A 170 -0.23 4.15 14.76
N ILE A 171 -0.17 2.85 15.07
CA ILE A 171 -0.32 2.34 16.43
C ILE A 171 0.89 2.73 17.29
N LYS A 172 0.66 2.92 18.60
CA LYS A 172 1.81 3.19 19.46
C LYS A 172 2.56 1.88 19.76
N PRO A 173 3.88 1.95 19.93
CA PRO A 173 4.64 0.75 20.32
C PRO A 173 4.18 0.24 21.68
N GLY A 174 4.12 -1.08 21.80
CA GLY A 174 3.86 -1.68 23.10
C GLY A 174 5.12 -1.68 23.97
N HIS A 175 4.90 -1.50 25.27
CA HIS A 175 6.00 -1.45 26.23
C HIS A 175 5.66 -2.30 27.44
N PHE A 176 6.58 -3.15 27.87
CA PHE A 176 6.40 -3.97 29.07
C PHE A 176 7.75 -4.26 29.70
N GLN A 177 7.91 -3.86 30.95
CA GLN A 177 9.09 -4.20 31.75
C GLN A 177 10.38 -3.83 31.03
N ASP A 178 10.46 -2.55 30.63
CA ASP A 178 11.65 -1.99 29.98
C ASP A 178 12.01 -2.74 28.69
N LYS A 179 10.98 -3.11 27.92
CA LYS A 179 11.18 -3.78 26.64
C LYS A 179 10.10 -3.30 25.68
N THR A 180 10.50 -3.04 24.43
CA THR A 180 9.60 -2.55 23.39
C THR A 180 9.16 -3.69 22.49
N TYR A 181 7.84 -3.83 22.32
CA TYR A 181 7.23 -4.88 21.50
C TYR A 181 6.30 -4.24 20.46
N ASP A 182 6.27 -4.82 19.25
CA ASP A 182 5.29 -4.45 18.23
C ASP A 182 4.79 -5.73 17.56
N ILE A 183 3.98 -5.57 16.50
CA ILE A 183 3.45 -6.73 15.76
C ILE A 183 4.58 -7.58 15.19
N VAL A 184 5.72 -6.96 14.88
CA VAL A 184 6.89 -7.73 14.46
C VAL A 184 7.34 -8.67 15.58
N SER A 185 7.36 -8.18 16.82
CA SER A 185 7.69 -9.03 17.97
C SER A 185 6.77 -10.24 18.04
N ALA A 186 5.46 -10.00 17.90
CA ALA A 186 4.49 -11.09 17.96
C ALA A 186 4.74 -12.13 16.86
N PHE A 187 4.99 -11.69 15.63
CA PHE A 187 5.25 -12.63 14.56
C PHE A 187 6.53 -13.43 14.82
N GLN A 188 7.59 -12.74 15.26
CA GLN A 188 8.87 -13.38 15.54
C GLN A 188 8.81 -14.38 16.68
N SER A 189 7.80 -14.26 17.55
CA SER A 189 7.82 -14.98 18.82
C SER A 189 7.83 -16.49 18.63
N TYR A 190 7.12 -17.01 17.63
CA TYR A 190 7.04 -18.46 17.43
C TYR A 190 8.39 -19.04 17.03
N GLY A 191 9.10 -18.39 16.09
CA GLY A 191 10.41 -18.85 15.71
C GLY A 191 11.39 -18.87 16.86
N GLU A 192 11.32 -17.84 17.73
CA GLU A 192 12.15 -17.80 18.93
C GLU A 192 11.77 -18.87 19.95
N PHE A 193 10.53 -19.37 19.88
CA PHE A 193 10.12 -20.47 20.75
C PHE A 193 10.64 -21.80 20.22
N VAL A 194 10.51 -22.03 18.91
CA VAL A 194 10.97 -23.29 18.32
C VAL A 194 12.49 -23.37 18.37
N SER A 195 13.18 -22.24 18.14
CA SER A 195 14.64 -22.21 18.20
C SER A 195 15.17 -22.42 19.61
N GLY A 196 14.35 -22.17 20.64
CA GLY A 196 14.78 -22.28 22.01
C GLY A 196 15.25 -20.99 22.64
N SER A 197 15.29 -19.88 21.87
CA SER A 197 15.76 -18.61 22.41
C SER A 197 14.91 -18.13 23.58
N ILE A 198 13.59 -18.27 23.48
CA ILE A 198 12.66 -17.87 24.52
C ILE A 198 11.78 -19.05 24.88
N SER A 199 11.20 -18.98 26.08
CA SER A 199 10.30 -20.01 26.56
C SER A 199 8.89 -19.76 26.05
N ASP A 200 8.00 -20.72 26.33
CA ASP A 200 6.58 -20.49 26.06
C ASP A 200 6.02 -19.33 26.89
N GLU A 201 6.54 -19.15 28.11
CA GLU A 201 6.06 -18.08 28.97
C GLU A 201 6.47 -16.72 28.44
N GLN A 202 7.72 -16.59 27.98
CA GLN A 202 8.16 -15.35 27.35
C GLN A 202 7.44 -15.10 26.03
N ARG A 203 7.17 -16.17 25.28
CA ARG A 203 6.40 -16.06 24.04
C ARG A 203 5.03 -15.45 24.30
N LYS A 204 4.32 -15.96 25.32
CA LYS A 204 2.98 -15.45 25.61
C LYS A 204 3.01 -14.00 26.09
N THR A 205 4.08 -13.60 26.79
CA THR A 205 4.19 -12.21 27.24
C THR A 205 4.26 -11.25 26.06
N VAL A 206 5.03 -11.62 25.03
CA VAL A 206 5.12 -10.79 23.83
C VAL A 206 3.76 -10.63 23.18
N LEU A 207 2.97 -11.70 23.15
CA LEU A 207 1.66 -11.65 22.50
C LEU A 207 0.68 -10.73 23.21
N HIS A 208 0.80 -10.59 24.54
CA HIS A 208 -0.13 -9.77 25.31
C HIS A 208 0.24 -8.31 25.36
N HIS A 209 1.44 -7.93 24.91
CA HIS A 209 1.93 -6.55 25.01
C HIS A 209 2.46 -6.03 23.68
N SER A 210 2.10 -6.68 22.57
CA SER A 210 2.61 -6.28 21.26
C SER A 210 1.78 -5.18 20.62
N CYS A 211 0.46 -5.18 20.82
CA CYS A 211 -0.45 -4.25 20.17
C CYS A 211 -1.33 -3.59 21.23
N PRO A 212 -0.91 -2.46 21.80
CA PRO A 212 -1.62 -1.90 22.95
C PRO A 212 -2.87 -1.09 22.63
N GLY A 213 -3.10 -0.74 21.37
CA GLY A 213 -4.25 0.08 21.04
C GLY A 213 -4.49 0.13 19.54
N ALA A 214 -5.18 1.19 19.12
CA ALA A 214 -5.59 1.35 17.73
C ALA A 214 -4.48 1.96 16.89
N GLY A 215 -4.45 1.58 15.62
CA GLY A 215 -3.50 2.15 14.68
C GLY A 215 -2.87 1.13 13.75
N ALA A 216 -2.35 1.62 12.63
CA ALA A 216 -1.66 0.79 11.66
C ALA A 216 -0.27 0.39 12.19
N CYS A 217 0.33 -0.59 11.50
CA CYS A 217 1.65 -1.08 11.87
C CYS A 217 2.69 0.05 11.82
N GLY A 218 3.63 0.02 12.77
CA GLY A 218 4.49 1.18 13.01
C GLY A 218 5.66 1.34 12.07
N GLY A 219 6.20 0.25 11.54
CA GLY A 219 7.34 0.33 10.64
C GLY A 219 6.96 0.84 9.25
N MET A 220 7.97 0.89 8.38
CA MET A 220 7.77 1.27 6.99
C MET A 220 7.20 0.11 6.16
N TYR A 221 6.14 -0.51 6.68
CA TYR A 221 5.39 -1.50 5.93
C TYR A 221 4.42 -0.77 5.02
N THR A 222 3.48 -1.50 4.40
CA THR A 222 2.64 -0.91 3.37
C THR A 222 1.87 0.30 3.90
N ALA A 223 1.30 0.20 5.11
CA ALA A 223 0.48 1.31 5.60
C ALA A 223 1.27 2.62 5.65
N ASN A 224 2.41 2.63 6.36
CA ASN A 224 3.16 3.88 6.50
C ASN A 224 3.81 4.31 5.20
N THR A 225 4.29 3.33 4.42
CA THR A 225 4.75 3.63 3.07
C THR A 225 3.66 4.36 2.29
N MET A 226 2.46 3.77 2.25
CA MET A 226 1.42 4.37 1.43
C MET A 226 0.92 5.68 2.02
N ALA A 227 0.76 5.76 3.34
CA ALA A 227 0.33 7.01 3.95
C ALA A 227 1.30 8.13 3.63
N SER A 228 2.60 7.89 3.83
CA SER A 228 3.60 8.89 3.48
C SER A 228 3.56 9.22 2.01
N ALA A 229 3.46 8.18 1.17
CA ALA A 229 3.45 8.40 -0.28
C ALA A 229 2.24 9.24 -0.69
N ILE A 230 1.09 9.01 -0.04
CA ILE A 230 -0.13 9.73 -0.43
C ILE A 230 -0.08 11.18 0.05
N GLU A 231 0.46 11.42 1.24
CA GLU A 231 0.79 12.78 1.65
C GLU A 231 1.73 13.45 0.65
N ALA A 232 2.84 12.78 0.33
CA ALA A 232 3.80 13.31 -0.64
C ALA A 232 3.14 13.62 -1.98
N MET A 233 2.11 12.84 -2.34
CA MET A 233 1.39 13.04 -3.60
C MET A 233 0.41 14.20 -3.49
N GLY A 234 0.25 14.77 -2.30
CA GLY A 234 -0.62 15.91 -2.10
C GLY A 234 -2.06 15.59 -1.78
N MET A 235 -2.38 14.32 -1.50
CA MET A 235 -3.78 13.93 -1.33
C MET A 235 -4.18 13.73 0.13
N SER A 236 -3.25 13.98 1.06
CA SER A 236 -3.54 14.11 2.48
C SER A 236 -2.99 15.45 2.98
N LEU A 237 -3.60 15.95 4.06
CA LEU A 237 -3.11 17.15 4.71
C LEU A 237 -1.72 16.93 5.30
N PRO A 238 -0.90 17.97 5.40
CA PRO A 238 0.41 17.82 6.02
C PRO A 238 0.27 17.22 7.42
N TYR A 239 1.17 16.28 7.74
CA TYR A 239 1.27 15.53 8.99
C TYR A 239 0.29 14.37 9.08
N SER A 240 -0.66 14.22 8.16
CA SER A 240 -1.60 13.11 8.24
C SER A 240 -0.86 11.78 8.43
N SER A 241 0.18 11.55 7.64
CA SER A 241 0.84 10.26 7.70
C SER A 241 1.64 10.04 8.99
N SER A 242 2.05 11.09 9.70
CA SER A 242 2.94 10.86 10.83
C SER A 242 2.32 11.09 12.20
N ILE A 243 1.10 11.62 12.27
CA ILE A 243 0.41 11.74 13.56
C ILE A 243 -0.09 10.36 14.00
N PRO A 244 0.26 9.89 15.21
CA PRO A 244 -0.24 8.58 15.64
C PRO A 244 -1.76 8.54 15.77
N ALA A 245 -2.30 7.31 15.68
CA ALA A 245 -3.75 7.12 15.63
C ALA A 245 -4.45 7.65 16.88
N GLU A 246 -3.85 7.48 18.05
CA GLU A 246 -4.56 7.91 19.24
C GLU A 246 -4.22 9.34 19.64
N ASP A 247 -3.40 10.04 18.85
CA ASP A 247 -2.96 11.38 19.19
C ASP A 247 -4.11 12.37 19.05
N PRO A 248 -4.29 13.27 20.03
CA PRO A 248 -5.39 14.24 19.91
C PRO A 248 -5.30 15.13 18.68
N LEU A 249 -4.11 15.26 18.08
CA LEU A 249 -3.99 16.05 16.86
C LEU A 249 -4.66 15.36 15.67
N LYS A 250 -4.74 14.02 15.70
CA LYS A 250 -5.46 13.30 14.65
C LYS A 250 -6.93 13.70 14.62
N LEU A 251 -7.55 13.80 15.80
CA LEU A 251 -8.94 14.28 15.86
C LEU A 251 -9.04 15.72 15.35
N ASP A 252 -8.07 16.57 15.69
CA ASP A 252 -8.05 17.94 15.16
C ASP A 252 -7.92 17.96 13.64
N GLU A 253 -7.03 17.11 13.09
CA GLU A 253 -6.96 16.99 11.64
C GLU A 253 -8.33 16.63 11.07
N CYS A 254 -9.03 15.68 11.71
CA CYS A 254 -10.35 15.26 11.22
C CYS A 254 -11.33 16.42 11.17
N ARG A 255 -11.32 17.25 12.22
CA ARG A 255 -12.25 18.38 12.30
C ARG A 255 -11.88 19.47 11.32
N LEU A 256 -10.63 19.52 10.88
CA LEU A 256 -10.22 20.52 9.91
C LEU A 256 -10.40 20.08 8.47
N ALA A 257 -10.58 18.78 8.20
CA ALA A 257 -10.66 18.37 6.80
C ALA A 257 -11.83 19.05 6.09
N GLY A 258 -12.92 19.31 6.79
CA GLY A 258 -14.07 19.93 6.16
C GLY A 258 -13.78 21.34 5.68
N LYS A 259 -13.04 22.12 6.49
CA LYS A 259 -12.63 23.46 6.08
C LYS A 259 -11.79 23.38 4.81
N TYR A 260 -10.81 22.49 4.79
CA TYR A 260 -9.98 22.35 3.61
C TYR A 260 -10.78 21.85 2.42
N LEU A 261 -11.74 20.96 2.66
CA LEU A 261 -12.56 20.48 1.53
C LEU A 261 -13.44 21.58 0.98
N LEU A 262 -14.02 22.42 1.84
CA LEU A 262 -14.77 23.56 1.34
C LEU A 262 -13.94 24.38 0.34
N GLU A 263 -12.70 24.68 0.72
CA GLU A 263 -11.82 25.45 -0.17
C GLU A 263 -11.58 24.70 -1.48
N LEU A 264 -11.40 23.37 -1.42
CA LEU A 264 -11.22 22.61 -2.66
C LEU A 264 -12.45 22.72 -3.55
N LEU A 265 -13.64 22.71 -2.96
CA LEU A 265 -14.86 22.85 -3.75
C LEU A 265 -14.95 24.23 -4.39
N LYS A 266 -14.54 25.27 -3.66
CA LYS A 266 -14.53 26.63 -4.21
C LYS A 266 -13.53 26.76 -5.35
N MET A 267 -12.38 26.09 -5.23
CA MET A 267 -11.40 26.11 -6.31
C MET A 267 -11.70 25.09 -7.40
N ASP A 268 -12.62 24.17 -7.14
CA ASP A 268 -12.80 22.98 -7.96
C ASP A 268 -11.46 22.30 -8.26
N LEU A 269 -10.63 22.18 -7.21
CA LEU A 269 -9.38 21.46 -7.29
C LEU A 269 -9.67 19.97 -7.05
N LYS A 270 -9.56 19.17 -8.10
CA LYS A 270 -9.99 17.79 -8.14
C LYS A 270 -8.81 16.83 -8.07
N PRO A 271 -9.05 15.54 -7.80
CA PRO A 271 -7.92 14.59 -7.73
C PRO A 271 -7.06 14.54 -8.98
N ARG A 272 -7.66 14.68 -10.17
CA ARG A 272 -6.84 14.67 -11.38
C ARG A 272 -6.10 15.99 -11.61
N ASP A 273 -6.43 17.04 -10.85
CA ASP A 273 -5.60 18.24 -10.79
C ASP A 273 -4.42 18.06 -9.83
N ILE A 274 -4.54 17.17 -8.85
CA ILE A 274 -3.54 16.98 -7.83
C ILE A 274 -2.63 15.78 -8.12
N ILE A 275 -3.21 14.69 -8.60
CA ILE A 275 -2.45 13.48 -8.94
C ILE A 275 -2.02 13.60 -10.39
N THR A 276 -0.74 13.88 -10.60
CA THR A 276 -0.17 14.17 -11.92
C THR A 276 1.13 13.38 -12.06
N PRO A 277 1.74 13.34 -13.26
CA PRO A 277 3.04 12.67 -13.37
C PRO A 277 4.04 13.12 -12.31
N LYS A 278 3.99 14.39 -11.97
CA LYS A 278 5.02 14.96 -11.12
C LYS A 278 4.74 14.69 -9.64
N SER A 279 3.45 14.72 -9.24
CA SER A 279 3.12 14.35 -7.87
C SER A 279 3.23 12.84 -7.66
N LEU A 280 2.98 12.05 -8.70
CA LEU A 280 3.27 10.61 -8.63
C LEU A 280 4.77 10.38 -8.42
N ARG A 281 5.61 11.18 -9.10
CA ARG A 281 7.04 11.05 -8.86
C ARG A 281 7.39 11.47 -7.43
N ASN A 282 6.78 12.57 -6.94
CA ASN A 282 6.97 12.97 -5.55
C ASN A 282 6.65 11.83 -4.60
N ALA A 283 5.53 11.12 -4.86
CA ALA A 283 5.19 9.97 -4.03
C ALA A 283 6.28 8.91 -4.09
N MET A 284 6.77 8.61 -5.30
CA MET A 284 7.80 7.60 -5.45
C MET A 284 9.11 8.01 -4.79
N VAL A 285 9.44 9.30 -4.85
CA VAL A 285 10.64 9.79 -4.17
C VAL A 285 10.54 9.49 -2.68
N SER A 286 9.38 9.74 -2.09
CA SER A 286 9.17 9.46 -0.68
C SER A 286 9.34 7.98 -0.36
N VAL A 287 8.86 7.10 -1.24
CA VAL A 287 9.05 5.67 -1.04
C VAL A 287 10.53 5.31 -1.04
N MET A 288 11.26 5.75 -2.08
CA MET A 288 12.69 5.47 -2.17
C MET A 288 13.42 5.97 -0.94
N ALA A 289 13.19 7.24 -0.57
CA ALA A 289 13.94 7.85 0.52
C ALA A 289 13.65 7.20 1.86
N LEU A 290 12.41 6.75 2.09
CA LEU A 290 12.06 6.16 3.38
C LEU A 290 12.25 4.65 3.42
N GLY A 291 12.73 4.03 2.34
CA GLY A 291 12.81 2.57 2.28
C GLY A 291 11.45 1.90 2.29
N GLY A 292 10.50 2.45 1.54
CA GLY A 292 9.14 1.96 1.61
C GLY A 292 8.94 0.61 0.93
N SER A 293 7.75 0.05 1.18
CA SER A 293 7.40 -1.30 0.78
C SER A 293 7.39 -1.49 -0.73
N THR A 294 7.80 -2.68 -1.18
CA THR A 294 7.59 -3.10 -2.56
C THR A 294 6.10 -3.15 -2.92
N ASN A 295 5.20 -3.30 -1.96
CA ASN A 295 3.78 -3.22 -2.32
C ASN A 295 3.41 -1.86 -2.90
N ALA A 296 4.19 -0.81 -2.60
CA ALA A 296 3.90 0.51 -3.15
C ALA A 296 4.01 0.54 -4.67
N VAL A 297 4.83 -0.35 -5.25
CA VAL A 297 4.82 -0.48 -6.70
C VAL A 297 3.42 -0.81 -7.20
N LEU A 298 2.77 -1.82 -6.58
CA LEU A 298 1.43 -2.19 -7.02
C LEU A 298 0.45 -1.03 -6.81
N HIS A 299 0.52 -0.39 -5.66
CA HIS A 299 -0.54 0.55 -5.30
C HIS A 299 -0.37 1.89 -6.05
N LEU A 300 0.87 2.33 -6.26
CA LEU A 300 1.04 3.58 -6.99
C LEU A 300 0.72 3.40 -8.47
N ILE A 301 1.00 2.21 -9.04
CA ILE A 301 0.58 1.98 -10.41
C ILE A 301 -0.94 2.06 -10.50
N ALA A 302 -1.64 1.37 -9.59
CA ALA A 302 -3.11 1.40 -9.59
C ALA A 302 -3.64 2.82 -9.42
N ILE A 303 -3.01 3.61 -8.54
CA ILE A 303 -3.47 4.99 -8.36
C ILE A 303 -3.27 5.80 -9.65
N ALA A 304 -2.11 5.65 -10.31
CA ALA A 304 -1.87 6.38 -11.54
C ALA A 304 -2.88 6.01 -12.62
N ARG A 305 -3.18 4.71 -12.74
CA ARG A 305 -4.18 4.25 -13.71
C ARG A 305 -5.55 4.86 -13.40
N SER A 306 -5.90 4.98 -12.12
CA SER A 306 -7.23 5.47 -11.77
C SER A 306 -7.49 6.89 -12.27
N VAL A 307 -6.45 7.70 -12.49
CA VAL A 307 -6.64 9.06 -13.03
C VAL A 307 -6.29 9.14 -14.51
N GLY A 308 -6.17 8.00 -15.18
CA GLY A 308 -5.91 8.03 -16.59
C GLY A 308 -4.46 8.27 -16.96
N LEU A 309 -3.53 8.03 -16.04
CA LEU A 309 -2.09 8.22 -16.26
C LEU A 309 -1.40 6.88 -16.41
N GLU A 310 -0.12 6.94 -16.79
CA GLU A 310 0.70 5.76 -16.97
C GLU A 310 1.82 5.79 -15.93
N LEU A 311 2.24 4.61 -15.51
CA LEU A 311 3.31 4.43 -14.54
C LEU A 311 3.80 3.01 -14.70
N THR A 312 5.08 2.85 -15.07
CA THR A 312 5.63 1.55 -15.39
C THR A 312 6.63 1.13 -14.33
N LEU A 313 7.04 -0.14 -14.40
CA LEU A 313 8.13 -0.61 -13.55
C LEU A 313 9.39 0.21 -13.80
N ASP A 314 9.68 0.56 -15.07
CA ASP A 314 10.88 1.35 -15.38
C ASP A 314 10.84 2.70 -14.70
N ASP A 315 9.65 3.31 -14.59
CA ASP A 315 9.53 4.57 -13.86
C ASP A 315 10.04 4.42 -12.43
N PHE A 316 9.69 3.30 -11.78
CA PHE A 316 10.18 3.05 -10.43
C PHE A 316 11.70 2.87 -10.42
N GLN A 317 12.25 2.14 -11.39
CA GLN A 317 13.70 1.96 -11.42
C GLN A 317 14.41 3.29 -11.60
N LYS A 318 13.88 4.18 -12.44
CA LYS A 318 14.53 5.47 -12.65
C LYS A 318 14.51 6.32 -11.38
N VAL A 319 13.37 6.37 -10.69
CA VAL A 319 13.35 7.11 -9.44
C VAL A 319 14.25 6.45 -8.42
N SER A 320 14.24 5.11 -8.36
CA SER A 320 15.12 4.41 -7.42
C SER A 320 16.58 4.79 -7.66
N ASP A 321 17.01 4.75 -8.92
CA ASP A 321 18.36 5.17 -9.28
C ASP A 321 18.64 6.61 -8.86
N ALA A 322 17.62 7.47 -8.90
CA ALA A 322 17.82 8.89 -8.69
C ALA A 322 17.75 9.31 -7.22
N VAL A 323 17.23 8.46 -6.33
CA VAL A 323 16.92 8.86 -4.97
C VAL A 323 17.58 7.89 -3.99
N PRO A 324 18.40 8.38 -3.07
CA PRO A 324 19.04 7.49 -2.08
C PRO A 324 18.10 7.13 -0.94
N PHE A 325 18.39 5.98 -0.33
CA PHE A 325 17.72 5.54 0.88
C PHE A 325 18.37 6.23 2.08
N LEU A 326 17.58 7.04 2.80
CA LEU A 326 18.12 7.92 3.83
C LEU A 326 17.59 7.66 5.24
N ALA A 327 16.45 6.98 5.39
CA ALA A 327 15.75 6.92 6.67
C ALA A 327 16.09 5.64 7.42
N ASP A 328 16.47 5.78 8.68
CA ASP A 328 16.80 4.66 9.56
C ASP A 328 15.53 4.12 10.21
N LEU A 329 14.71 3.47 9.41
CA LEU A 329 13.37 3.04 9.81
C LEU A 329 13.19 1.54 9.60
N LYS A 330 12.52 0.90 10.55
CA LYS A 330 12.10 -0.48 10.45
C LYS A 330 11.28 -0.67 9.18
N PRO A 331 11.30 -1.85 8.50
CA PRO A 331 12.11 -3.01 8.94
C PRO A 331 13.63 -2.97 8.64
N SER A 332 14.04 -2.21 7.63
CA SER A 332 15.48 -2.10 7.26
C SER A 332 16.30 -1.52 8.42
N GLY A 333 15.76 -0.53 9.13
CA GLY A 333 16.49 0.15 10.21
C GLY A 333 15.93 -0.07 11.60
N LYS A 334 16.11 0.91 12.49
CA LYS A 334 15.74 0.73 13.91
C LYS A 334 14.56 1.59 14.38
N TYR A 335 14.26 2.71 13.71
CA TYR A 335 13.21 3.63 14.25
C TYR A 335 11.82 3.35 13.65
N VAL A 336 10.80 4.00 14.20
CA VAL A 336 9.40 3.80 13.73
C VAL A 336 8.79 5.14 13.32
N MET A 337 7.55 5.13 12.84
CA MET A 337 6.91 6.38 12.40
C MET A 337 6.75 7.40 13.52
N GLU A 338 6.58 6.95 14.77
CA GLU A 338 6.48 7.91 15.87
C GLU A 338 7.77 8.70 16.06
N ASP A 339 8.91 8.11 15.71
CA ASP A 339 10.18 8.83 15.87
C ASP A 339 10.36 9.89 14.78
N ILE A 340 9.86 9.62 13.56
CA ILE A 340 9.72 10.68 12.56
C ILE A 340 8.81 11.77 13.08
N HIS A 341 7.68 11.37 13.67
CA HIS A 341 6.71 12.31 14.21
C HIS A 341 7.36 13.24 15.24
N LYS A 342 8.27 12.69 16.06
CA LYS A 342 8.90 13.48 17.10
C LYS A 342 10.01 14.38 16.59
N ILE A 343 10.46 14.22 15.35
CA ILE A 343 11.51 15.06 14.81
C ILE A 343 10.97 15.98 13.72
N GLY A 344 9.66 16.18 13.66
CA GLY A 344 9.05 17.05 12.67
C GLY A 344 8.10 16.38 11.69
N GLY A 345 7.91 15.06 11.74
CA GLY A 345 6.89 14.41 10.93
C GLY A 345 7.25 14.30 9.46
N THR A 346 6.27 13.83 8.68
CA THR A 346 6.47 13.67 7.25
C THR A 346 6.76 14.99 6.54
N PRO A 347 6.10 16.12 6.86
CA PRO A 347 6.49 17.38 6.20
C PRO A 347 7.97 17.73 6.39
N ALA A 348 8.54 17.48 7.57
CA ALA A 348 9.97 17.77 7.76
C ALA A 348 10.83 16.92 6.82
N VAL A 349 10.49 15.64 6.67
CA VAL A 349 11.22 14.80 5.72
C VAL A 349 11.10 15.34 4.31
N LEU A 350 9.87 15.67 3.90
CA LEU A 350 9.66 16.14 2.53
C LEU A 350 10.32 17.51 2.30
N ARG A 351 10.37 18.35 3.34
CA ARG A 351 11.07 19.63 3.22
C ARG A 351 12.54 19.42 2.89
N TYR A 352 13.17 18.46 3.58
CA TYR A 352 14.57 18.12 3.29
C TYR A 352 14.74 17.60 1.86
N LEU A 353 13.88 16.67 1.45
CA LEU A 353 13.97 16.14 0.08
C LEU A 353 13.73 17.24 -0.95
N LEU A 354 12.79 18.14 -0.69
CA LEU A 354 12.56 19.26 -1.60
C LEU A 354 13.77 20.17 -1.65
N GLU A 355 14.38 20.46 -0.50
CA GLU A 355 15.59 21.28 -0.48
C GLU A 355 16.71 20.63 -1.29
N LEU A 356 16.81 19.31 -1.24
CA LEU A 356 17.78 18.58 -2.06
C LEU A 356 17.44 18.57 -3.53
N GLY A 357 16.33 19.19 -3.95
CA GLY A 357 15.93 19.15 -5.34
C GLY A 357 15.42 17.81 -5.82
N LEU A 358 15.03 16.93 -4.90
CA LEU A 358 14.50 15.62 -5.26
C LEU A 358 13.01 15.64 -5.55
N MET A 359 12.32 16.73 -5.21
CA MET A 359 10.88 16.78 -5.27
C MET A 359 10.45 18.02 -6.04
N ASP A 360 9.28 17.96 -6.69
CA ASP A 360 8.78 19.17 -7.32
C ASP A 360 7.79 19.88 -6.41
N GLY A 361 8.15 21.10 -6.06
CA GLY A 361 7.35 21.90 -5.17
C GLY A 361 6.13 22.55 -5.79
N ASP A 362 6.01 22.58 -7.12
CA ASP A 362 4.88 23.29 -7.76
C ASP A 362 3.59 22.47 -7.81
N CYS A 363 3.57 21.23 -7.33
CA CYS A 363 2.38 20.40 -7.37
C CYS A 363 1.32 20.92 -6.40
N MET A 364 0.11 21.12 -6.90
CA MET A 364 -1.02 21.47 -6.04
C MET A 364 -1.38 20.31 -5.11
N THR A 365 -1.89 20.66 -3.92
CA THR A 365 -2.27 19.71 -2.87
C THR A 365 -3.64 20.05 -2.29
N VAL A 366 -4.13 19.16 -1.43
CA VAL A 366 -5.45 19.33 -0.81
C VAL A 366 -5.51 20.49 0.18
N THR A 367 -4.39 21.15 0.49
CA THR A 367 -4.48 22.39 1.26
C THR A 367 -4.95 23.55 0.39
N GLY A 368 -5.04 23.36 -0.92
CA GLY A 368 -5.29 24.44 -1.83
C GLY A 368 -4.04 25.17 -2.26
N GLN A 369 -2.89 24.82 -1.71
CA GLN A 369 -1.61 25.42 -2.04
C GLN A 369 -0.68 24.35 -2.61
N THR A 370 0.49 24.78 -3.04
CA THR A 370 1.46 23.84 -3.57
C THR A 370 2.19 23.13 -2.43
N LEU A 371 2.85 22.03 -2.79
CA LEU A 371 3.72 21.34 -1.85
C LEU A 371 4.77 22.29 -1.25
N ALA A 372 5.43 23.07 -2.11
CA ALA A 372 6.42 24.03 -1.63
C ALA A 372 5.81 25.01 -0.64
N GLN A 373 4.61 25.52 -0.94
CA GLN A 373 3.94 26.45 -0.03
C GLN A 373 3.63 25.79 1.31
N ASN A 374 3.17 24.53 1.29
CA ASN A 374 2.93 23.81 2.55
C ASN A 374 4.20 23.71 3.38
N LEU A 375 5.31 23.38 2.74
CA LEU A 375 6.56 23.07 3.41
C LEU A 375 7.38 24.30 3.79
N GLU A 376 7.04 25.46 3.22
CA GLU A 376 7.75 26.70 3.55
C GLU A 376 7.72 26.97 5.04
N ASN A 377 6.56 26.78 5.68
CA ASN A 377 6.36 27.17 7.07
C ASN A 377 6.65 26.05 8.06
N VAL A 378 6.93 24.83 7.61
CA VAL A 378 7.02 23.72 8.55
C VAL A 378 8.38 23.75 9.23
N PRO A 379 8.42 23.48 10.53
CA PRO A 379 9.72 23.29 11.20
C PRO A 379 10.52 22.21 10.51
N SER A 380 11.81 22.49 10.31
CA SER A 380 12.71 21.53 9.70
C SER A 380 12.96 20.35 10.64
N LEU A 381 13.71 19.37 10.14
CA LEU A 381 14.04 18.20 10.94
C LEU A 381 14.82 18.62 12.19
N THR A 382 14.52 17.99 13.31
CA THR A 382 15.12 18.34 14.60
C THR A 382 16.65 18.31 14.53
N GLU A 383 17.28 19.41 14.94
CA GLU A 383 18.74 19.49 14.94
C GLU A 383 19.35 18.33 15.71
N GLY A 384 20.30 17.65 15.07
CA GLY A 384 20.98 16.50 15.66
C GLY A 384 20.29 15.16 15.46
N GLN A 385 19.22 15.11 14.68
CA GLN A 385 18.50 13.86 14.46
C GLN A 385 19.35 12.88 13.65
N GLU A 386 19.22 11.60 13.96
CA GLU A 386 19.98 10.55 13.31
C GLU A 386 19.11 9.61 12.47
N ILE A 387 17.83 9.91 12.34
CA ILE A 387 16.95 9.05 11.54
C ILE A 387 17.13 9.30 10.05
N ILE A 388 17.06 10.57 9.64
CA ILE A 388 17.18 10.93 8.23
C ILE A 388 18.65 11.29 7.96
N ARG A 389 19.35 10.42 7.24
CA ARG A 389 20.75 10.61 6.95
C ARG A 389 20.94 11.78 5.99
N PRO A 390 22.12 12.42 6.03
CA PRO A 390 22.44 13.42 5.00
C PRO A 390 22.60 12.74 3.64
N LEU A 391 22.48 13.56 2.59
CA LEU A 391 22.73 13.06 1.23
C LEU A 391 24.17 12.62 1.05
N SER A 392 25.09 13.18 1.85
CA SER A 392 26.49 12.79 1.80
C SER A 392 26.74 11.41 2.43
N ASN A 393 25.86 10.97 3.33
CA ASN A 393 26.02 9.68 4.01
C ASN A 393 24.71 8.91 3.99
N PRO A 394 24.26 8.47 2.82
CA PRO A 394 23.02 7.69 2.76
C PRO A 394 23.22 6.25 3.22
N ILE A 395 22.12 5.62 3.62
CA ILE A 395 22.14 4.19 3.93
C ILE A 395 22.40 3.37 2.66
N LYS A 396 21.88 3.82 1.53
CA LYS A 396 22.19 3.23 0.24
C LYS A 396 22.21 4.33 -0.81
N GLU A 397 23.16 4.22 -1.76
CA GLU A 397 23.36 5.28 -2.75
C GLU A 397 22.14 5.46 -3.63
N THR A 398 21.42 4.39 -3.92
CA THR A 398 20.17 4.41 -4.65
C THR A 398 19.07 3.77 -3.79
N GLY A 399 17.88 3.65 -4.35
CA GLY A 399 16.77 3.11 -3.60
C GLY A 399 16.84 1.60 -3.41
N HIS A 400 16.05 1.13 -2.44
CA HIS A 400 15.95 -0.30 -2.16
C HIS A 400 15.23 -1.05 -3.27
N ILE A 401 14.27 -0.39 -3.92
CA ILE A 401 13.42 -1.09 -4.87
C ILE A 401 14.18 -1.32 -6.17
N GLN A 402 14.11 -2.55 -6.67
CA GLN A 402 14.89 -2.94 -7.84
C GLN A 402 13.98 -3.75 -8.76
N ILE A 403 14.00 -3.44 -10.05
CA ILE A 403 13.18 -4.11 -11.05
C ILE A 403 14.06 -5.11 -11.78
N LEU A 404 13.70 -6.39 -11.74
CA LEU A 404 14.48 -7.41 -12.42
C LEU A 404 13.70 -8.01 -13.57
N ARG A 405 14.37 -8.19 -14.70
CA ARG A 405 13.78 -8.92 -15.81
C ARG A 405 14.62 -10.17 -16.06
N GLY A 406 15.04 -10.40 -17.31
CA GLY A 406 15.79 -11.60 -17.64
C GLY A 406 14.89 -12.72 -18.11
N ASP A 407 15.51 -13.90 -18.28
CA ASP A 407 14.84 -15.06 -18.87
C ASP A 407 13.57 -15.42 -18.11
N LEU A 408 13.62 -15.39 -16.78
CA LEU A 408 12.56 -15.97 -15.97
C LEU A 408 11.54 -14.94 -15.51
N ALA A 409 11.80 -13.66 -15.72
CA ALA A 409 10.85 -12.60 -15.40
C ALA A 409 10.83 -11.60 -16.55
N PRO A 410 10.46 -12.06 -17.75
CA PRO A 410 10.55 -11.18 -18.91
C PRO A 410 9.70 -9.93 -18.79
N ASP A 411 8.55 -10.00 -18.12
CA ASP A 411 7.67 -8.85 -17.97
C ASP A 411 7.90 -8.11 -16.66
N GLY A 412 8.93 -8.48 -15.91
CA GLY A 412 9.34 -7.71 -14.75
C GLY A 412 9.11 -8.48 -13.47
N SER A 413 9.72 -7.93 -12.42
CA SER A 413 9.69 -8.47 -11.07
C SER A 413 10.22 -7.38 -10.15
N VAL A 414 9.98 -7.53 -8.85
CA VAL A 414 10.31 -6.47 -7.90
C VAL A 414 11.04 -7.08 -6.71
N ALA A 415 12.16 -6.46 -6.32
CA ALA A 415 12.92 -6.91 -5.18
C ALA A 415 13.33 -5.73 -4.33
N LYS A 416 13.43 -5.97 -3.03
CA LYS A 416 14.01 -5.03 -2.09
C LYS A 416 15.47 -5.42 -1.89
N ILE A 417 16.39 -4.57 -2.34
CA ILE A 417 17.83 -4.85 -2.34
C ILE A 417 18.49 -3.85 -1.39
N THR A 418 19.15 -4.36 -0.34
CA THR A 418 19.82 -3.45 0.60
C THR A 418 21.20 -3.04 0.10
N GLY A 419 21.84 -3.86 -0.73
CA GLY A 419 23.24 -3.69 -1.05
C GLY A 419 24.17 -4.57 -0.26
N LYS A 420 23.64 -5.38 0.65
CA LYS A 420 24.44 -6.26 1.50
C LYS A 420 24.52 -7.68 0.98
N GLU A 421 23.60 -8.07 0.08
CA GLU A 421 23.53 -9.46 -0.36
C GLU A 421 24.55 -9.78 -1.45
N GLY A 422 25.27 -8.80 -1.96
CA GLY A 422 26.15 -8.99 -3.08
C GLY A 422 25.47 -8.63 -4.38
N LEU A 423 26.18 -8.87 -5.49
CA LEU A 423 25.62 -8.55 -6.80
C LEU A 423 25.06 -9.76 -7.54
N TYR A 424 25.40 -10.98 -7.12
CA TYR A 424 25.06 -12.18 -7.86
C TYR A 424 24.66 -13.31 -6.93
N PHE A 425 23.77 -14.17 -7.43
CA PHE A 425 23.50 -15.47 -6.84
C PHE A 425 23.26 -16.46 -7.98
N SER A 426 23.89 -17.62 -7.91
CA SER A 426 23.64 -18.68 -8.87
C SER A 426 23.42 -19.97 -8.10
N GLY A 427 22.38 -20.73 -8.47
CA GLY A 427 22.08 -21.95 -7.77
C GLY A 427 21.06 -22.80 -8.49
N PRO A 428 21.02 -24.09 -8.19
CA PRO A 428 20.03 -24.96 -8.80
C PRO A 428 18.65 -24.68 -8.23
N ALA A 429 17.65 -24.73 -9.10
CA ALA A 429 16.29 -24.41 -8.69
C ALA A 429 15.70 -25.52 -7.83
N LEU A 430 14.97 -25.11 -6.80
CA LEU A 430 14.18 -25.99 -5.95
C LEU A 430 12.74 -25.47 -6.04
N VAL A 431 11.88 -26.17 -6.80
CA VAL A 431 10.60 -25.61 -7.24
C VAL A 431 9.45 -26.16 -6.42
N PHE A 432 8.56 -25.27 -5.98
CA PHE A 432 7.38 -25.65 -5.21
C PHE A 432 6.13 -25.04 -5.83
N GLU A 433 5.08 -25.85 -5.93
CA GLU A 433 3.77 -25.40 -6.43
C GLU A 433 2.93 -25.02 -5.21
N GLY A 434 3.22 -23.84 -4.68
CA GLY A 434 2.52 -23.34 -3.52
C GLY A 434 3.42 -23.27 -2.29
N GLU A 435 3.00 -22.44 -1.34
CA GLU A 435 3.77 -22.23 -0.11
C GLU A 435 3.78 -23.46 0.79
N GLU A 436 2.70 -24.24 0.77
CA GLU A 436 2.60 -25.37 1.67
C GLU A 436 3.69 -26.40 1.40
N SER A 437 3.86 -26.81 0.13
CA SER A 437 4.89 -27.81 -0.16
C SER A 437 6.29 -27.28 0.12
N MET A 438 6.54 -25.98 -0.05
CA MET A 438 7.84 -25.42 0.27
C MET A 438 8.14 -25.55 1.77
N LEU A 439 7.16 -25.22 2.61
CA LEU A 439 7.40 -25.24 4.05
C LEU A 439 7.57 -26.64 4.58
N ALA A 440 6.87 -27.61 3.98
CA ALA A 440 7.03 -29.00 4.39
C ALA A 440 8.41 -29.51 4.02
N ALA A 441 8.89 -29.15 2.82
CA ALA A 441 10.18 -29.65 2.37
C ALA A 441 11.31 -29.07 3.22
N ILE A 442 11.22 -27.80 3.60
CA ILE A 442 12.27 -27.21 4.42
C ILE A 442 12.17 -27.68 5.86
N SER A 443 11.01 -28.20 6.26
CA SER A 443 10.91 -28.81 7.60
C SER A 443 11.61 -30.16 7.62
N ALA A 444 11.24 -31.04 6.70
CA ALA A 444 11.80 -32.38 6.67
C ALA A 444 13.29 -32.36 6.34
N ASP A 445 13.72 -31.51 5.41
CA ASP A 445 15.06 -31.58 4.83
C ASP A 445 15.63 -30.18 4.61
N PRO A 446 15.94 -29.45 5.68
CA PRO A 446 16.44 -28.08 5.49
C PRO A 446 17.72 -27.99 4.69
N MET A 447 18.63 -28.95 4.84
CA MET A 447 19.91 -28.84 4.15
C MET A 447 19.78 -29.02 2.65
N SER A 448 18.73 -29.69 2.17
CA SER A 448 18.48 -29.74 0.74
C SER A 448 18.28 -28.36 0.11
N PHE A 449 18.09 -27.32 0.93
CA PHE A 449 17.86 -25.96 0.43
C PHE A 449 19.15 -25.18 0.26
N LYS A 450 20.22 -25.62 0.93
CA LYS A 450 21.47 -24.89 0.95
C LYS A 450 22.01 -24.71 -0.47
N GLY A 451 22.24 -23.46 -0.86
CA GLY A 451 22.74 -23.14 -2.19
C GLY A 451 21.71 -23.06 -3.29
N THR A 452 20.43 -23.34 -3.02
CA THR A 452 19.47 -23.40 -4.11
C THR A 452 18.84 -22.04 -4.36
N VAL A 453 18.16 -21.93 -5.50
CA VAL A 453 17.24 -20.83 -5.78
C VAL A 453 15.85 -21.41 -5.57
N VAL A 454 15.24 -21.08 -4.44
CA VAL A 454 13.91 -21.57 -4.10
C VAL A 454 12.87 -20.81 -4.90
N VAL A 455 12.00 -21.56 -5.59
CA VAL A 455 10.93 -21.00 -6.40
C VAL A 455 9.60 -21.43 -5.80
N ILE A 456 8.80 -20.46 -5.36
CA ILE A 456 7.43 -20.73 -4.92
C ILE A 456 6.53 -20.10 -5.97
N ARG A 457 5.92 -20.93 -6.83
CA ARG A 457 5.10 -20.44 -7.91
C ARG A 457 3.64 -20.81 -7.67
N GLY A 458 2.79 -20.34 -8.57
CA GLY A 458 1.37 -20.48 -8.39
C GLY A 458 0.80 -19.59 -7.30
N GLU A 459 1.50 -18.50 -6.94
CA GLU A 459 0.98 -17.59 -5.93
C GLU A 459 0.65 -16.21 -6.50
N GLY A 460 0.51 -16.10 -7.82
CA GLY A 460 0.26 -14.82 -8.43
C GLY A 460 -1.18 -14.36 -8.25
N PRO A 461 -1.54 -13.26 -8.92
CA PRO A 461 -2.94 -12.76 -8.84
C PRO A 461 -3.98 -13.80 -9.21
N LYS A 462 -3.75 -14.56 -10.28
CA LYS A 462 -4.72 -15.59 -10.64
C LYS A 462 -4.39 -16.97 -10.08
N GLY A 463 -3.10 -17.32 -9.93
CA GLY A 463 -2.76 -18.64 -9.45
C GLY A 463 -2.95 -18.86 -7.96
N GLY A 464 -2.72 -17.83 -7.15
CA GLY A 464 -2.82 -17.97 -5.71
C GLY A 464 -4.13 -18.59 -5.22
N PRO A 465 -5.30 -18.05 -5.63
CA PRO A 465 -5.44 -16.75 -6.32
C PRO A 465 -5.23 -15.62 -5.32
N GLY A 466 -5.26 -14.37 -5.76
CA GLY A 466 -5.22 -13.26 -4.83
C GLY A 466 -3.85 -12.68 -4.56
N MET A 467 -2.81 -13.25 -5.18
CA MET A 467 -1.43 -12.82 -4.96
C MET A 467 -1.13 -12.65 -3.46
N PRO A 468 -1.24 -13.72 -2.68
CA PRO A 468 -1.06 -13.59 -1.23
C PRO A 468 0.37 -13.19 -0.89
N GLU A 469 0.50 -12.45 0.21
CA GLU A 469 1.80 -12.20 0.85
C GLU A 469 2.19 -13.38 1.71
N MET A 470 3.46 -13.78 1.63
CA MET A 470 3.96 -14.96 2.34
C MET A 470 5.14 -14.54 3.21
N LEU A 471 5.02 -14.78 4.52
CA LEU A 471 6.07 -14.49 5.49
C LEU A 471 6.78 -15.75 5.96
N THR A 472 6.06 -16.85 6.12
CA THR A 472 6.68 -18.07 6.66
C THR A 472 7.86 -18.58 5.84
N PRO A 473 7.91 -18.46 4.50
CA PRO A 473 9.12 -18.93 3.80
C PRO A 473 10.38 -18.21 4.18
N THR A 474 10.37 -16.88 4.33
CA THR A 474 11.59 -16.16 4.68
C THR A 474 11.98 -16.42 6.14
N SER A 475 11.00 -16.54 7.05
CA SER A 475 11.40 -16.75 8.43
C SER A 475 11.84 -18.19 8.67
N ALA A 476 11.30 -19.14 7.90
CA ALA A 476 11.80 -20.50 7.93
C ALA A 476 13.23 -20.57 7.41
N ILE A 477 13.51 -19.89 6.30
CA ILE A 477 14.87 -19.86 5.77
C ILE A 477 15.83 -19.24 6.78
N MET A 478 15.40 -18.16 7.45
CA MET A 478 16.27 -17.51 8.43
C MET A 478 16.58 -18.42 9.61
N GLY A 479 15.57 -19.14 10.11
CA GLY A 479 15.75 -19.98 11.28
C GLY A 479 16.49 -21.28 11.01
N ALA A 480 16.57 -21.70 9.75
CA ALA A 480 17.40 -22.85 9.39
C ALA A 480 18.84 -22.45 9.11
N GLY A 481 19.21 -21.20 9.35
CA GLY A 481 20.56 -20.74 9.07
C GLY A 481 20.89 -20.56 7.60
N LEU A 482 19.87 -20.50 6.73
CA LEU A 482 20.08 -20.49 5.28
C LEU A 482 19.95 -19.12 4.65
N GLY A 483 19.91 -18.05 5.46
CA GLY A 483 19.65 -16.70 4.98
C GLY A 483 20.41 -16.24 3.75
N LYS A 484 21.72 -16.14 3.84
CA LYS A 484 22.52 -15.74 2.68
C LYS A 484 22.88 -16.92 1.79
N GLU A 485 22.35 -18.11 2.07
CA GLU A 485 22.78 -19.34 1.41
C GLU A 485 21.79 -19.83 0.35
N CYS A 486 20.70 -19.10 0.13
CA CYS A 486 19.78 -19.47 -0.94
C CYS A 486 19.04 -18.20 -1.34
N ALA A 487 18.44 -18.24 -2.52
CA ALA A 487 17.60 -17.16 -3.01
C ALA A 487 16.15 -17.61 -3.03
N LEU A 488 15.23 -16.63 -3.02
CA LEU A 488 13.80 -16.90 -2.98
C LEU A 488 13.11 -16.13 -4.10
N LEU A 489 12.36 -16.84 -4.96
CA LEU A 489 11.63 -16.23 -6.08
C LEU A 489 10.16 -16.61 -6.03
N THR A 490 9.28 -15.67 -6.36
CA THR A 490 7.86 -16.01 -6.42
C THR A 490 7.12 -15.12 -7.40
N ASP A 491 6.00 -15.64 -7.92
CA ASP A 491 5.06 -14.81 -8.65
C ASP A 491 4.03 -14.16 -7.71
N GLY A 492 4.09 -14.47 -6.43
CA GLY A 492 3.32 -13.80 -5.40
C GLY A 492 4.12 -12.69 -4.75
N ARG A 493 4.00 -12.58 -3.43
CA ARG A 493 4.69 -11.53 -2.70
C ARG A 493 5.29 -12.10 -1.42
N PHE A 494 6.46 -11.60 -1.04
CA PHE A 494 7.10 -11.94 0.23
C PHE A 494 7.04 -10.75 1.16
N SER A 495 6.91 -11.01 2.46
CA SER A 495 6.71 -9.94 3.43
C SER A 495 7.99 -9.58 4.19
N GLY A 496 8.54 -10.53 4.95
CA GLY A 496 9.73 -10.26 5.74
C GLY A 496 10.98 -10.25 4.89
N GLY A 497 12.04 -9.68 5.47
CA GLY A 497 13.32 -9.57 4.79
C GLY A 497 14.20 -10.77 5.08
N SER A 498 14.73 -11.37 4.03
CA SER A 498 15.88 -12.24 4.15
C SER A 498 17.14 -11.36 4.22
N HIS A 499 18.26 -12.00 4.51
CA HIS A 499 19.55 -11.35 4.33
C HIS A 499 20.15 -11.69 2.97
N GLY A 500 19.36 -12.31 2.10
CA GLY A 500 19.76 -12.65 0.74
C GLY A 500 18.80 -12.13 -0.30
N PHE A 501 18.80 -12.73 -1.48
CA PHE A 501 17.97 -12.25 -2.59
C PHE A 501 16.55 -12.79 -2.46
N VAL A 502 15.58 -11.87 -2.48
CA VAL A 502 14.18 -12.24 -2.36
C VAL A 502 13.43 -11.43 -3.41
N VAL A 503 12.82 -12.10 -4.37
CA VAL A 503 12.16 -11.44 -5.50
C VAL A 503 10.70 -11.88 -5.54
N GLY A 504 9.78 -10.91 -5.70
CA GLY A 504 8.37 -11.18 -5.86
C GLY A 504 7.85 -10.57 -7.16
N HIS A 505 6.53 -10.71 -7.37
CA HIS A 505 5.84 -10.08 -8.51
C HIS A 505 6.37 -10.58 -9.85
N ILE A 506 6.89 -11.81 -9.92
CA ILE A 506 7.50 -12.26 -11.17
C ILE A 506 6.42 -12.45 -12.23
N CYS A 507 6.63 -11.82 -13.40
CA CYS A 507 5.67 -11.75 -14.48
C CYS A 507 6.28 -12.18 -15.80
N PRO A 508 5.54 -12.95 -16.62
CA PRO A 508 4.18 -13.40 -16.27
C PRO A 508 4.15 -14.45 -15.17
N GLU A 509 3.06 -14.49 -14.42
CA GLU A 509 2.94 -15.48 -13.36
C GLU A 509 2.84 -16.89 -13.95
N ALA A 510 3.06 -17.89 -13.09
CA ALA A 510 3.03 -19.29 -13.52
C ALA A 510 1.68 -19.68 -14.10
N GLN A 511 0.58 -19.21 -13.48
CA GLN A 511 -0.77 -19.52 -13.97
C GLN A 511 -0.97 -19.03 -15.39
N GLU A 512 -0.29 -17.96 -15.77
CA GLU A 512 -0.38 -17.44 -17.12
C GLU A 512 0.65 -18.05 -18.06
N GLY A 513 1.38 -19.06 -17.61
CA GLY A 513 2.37 -19.68 -18.49
C GLY A 513 3.63 -18.88 -18.70
N GLY A 514 3.97 -17.96 -17.80
CA GLY A 514 5.27 -17.32 -17.80
C GLY A 514 6.39 -18.34 -17.56
N PRO A 515 7.62 -17.97 -17.95
CA PRO A 515 8.75 -18.91 -17.78
C PRO A 515 8.88 -19.49 -16.37
N ILE A 516 8.43 -18.76 -15.33
CA ILE A 516 8.52 -19.29 -13.97
C ILE A 516 7.76 -20.59 -13.83
N GLY A 517 6.66 -20.77 -14.58
CA GLY A 517 5.94 -22.02 -14.50
C GLY A 517 6.56 -23.18 -15.28
N LEU A 518 7.65 -22.92 -16.00
CA LEU A 518 8.40 -23.91 -16.77
C LEU A 518 9.70 -24.34 -16.13
N ILE A 519 10.10 -23.69 -15.03
CA ILE A 519 11.30 -24.08 -14.31
C ILE A 519 11.17 -25.48 -13.77
N LYS A 520 12.26 -26.25 -13.86
CA LYS A 520 12.34 -27.58 -13.26
C LYS A 520 13.44 -27.62 -12.21
N ASN A 521 13.26 -28.49 -11.20
CA ASN A 521 14.31 -28.74 -10.23
C ASN A 521 15.63 -29.03 -10.95
N GLY A 522 16.69 -28.36 -10.50
CA GLY A 522 18.01 -28.52 -11.06
C GLY A 522 18.41 -27.45 -12.05
N ASP A 523 17.46 -26.78 -12.70
CA ASP A 523 17.81 -25.66 -13.57
C ASP A 523 18.72 -24.71 -12.83
N ILE A 524 19.81 -24.30 -13.46
CA ILE A 524 20.69 -23.32 -12.81
C ILE A 524 20.13 -21.93 -13.04
N ILE A 525 19.79 -21.23 -11.96
CA ILE A 525 19.24 -19.90 -12.04
C ILE A 525 20.28 -18.92 -11.55
N THR A 526 20.41 -17.79 -12.26
CA THR A 526 21.42 -16.81 -11.91
C THR A 526 20.74 -15.45 -11.81
N ILE A 527 20.82 -14.87 -10.62
CA ILE A 527 20.34 -13.52 -10.35
C ILE A 527 21.54 -12.59 -10.44
N ASP A 528 21.43 -11.59 -11.31
CA ASP A 528 22.46 -10.58 -11.54
C ASP A 528 21.86 -9.19 -11.33
N ILE A 529 22.22 -8.54 -10.21
CA ILE A 529 21.59 -7.28 -9.85
C ILE A 529 22.06 -6.17 -10.78
N GLY A 530 23.34 -6.19 -11.17
CA GLY A 530 23.86 -5.15 -12.05
C GLY A 530 23.24 -5.22 -13.44
N ALA A 531 23.11 -6.42 -13.99
CA ALA A 531 22.37 -6.57 -15.24
C ALA A 531 20.86 -6.52 -15.04
N ALA A 532 20.39 -6.62 -13.80
CA ALA A 532 18.96 -6.61 -13.48
C ALA A 532 18.23 -7.73 -14.22
N ARG A 533 18.71 -8.97 -13.99
CA ARG A 533 18.23 -10.13 -14.72
C ARG A 533 18.14 -11.35 -13.81
N ILE A 534 17.06 -12.11 -13.97
CA ILE A 534 16.92 -13.45 -13.39
C ILE A 534 16.92 -14.42 -14.56
N ASP A 535 18.04 -15.12 -14.75
CA ASP A 535 18.27 -15.91 -15.94
C ASP A 535 18.30 -17.39 -15.61
N THR A 536 18.08 -18.22 -16.64
CA THR A 536 18.20 -19.66 -16.53
C THR A 536 19.28 -20.16 -17.47
N GLN A 537 20.05 -21.16 -17.01
CA GLN A 537 21.00 -21.86 -17.86
C GLN A 537 20.31 -22.68 -18.95
N VAL A 538 19.04 -23.07 -18.73
CA VAL A 538 18.28 -23.78 -19.74
C VAL A 538 18.23 -22.93 -21.01
N SER A 539 18.37 -23.57 -22.16
CA SER A 539 18.38 -22.83 -23.42
C SER A 539 16.99 -22.25 -23.71
N PRO A 540 16.93 -21.14 -24.45
CA PRO A 540 15.62 -20.63 -24.87
C PRO A 540 14.84 -21.62 -25.69
N GLU A 541 15.52 -22.51 -26.43
CA GLU A 541 14.82 -23.50 -27.24
C GLU A 541 14.21 -24.59 -26.36
N GLU A 542 14.94 -25.04 -25.33
CA GLU A 542 14.36 -26.05 -24.43
C GLU A 542 13.24 -25.44 -23.60
N MET A 543 13.38 -24.19 -23.20
CA MET A 543 12.29 -23.50 -22.50
C MET A 543 11.03 -23.47 -23.37
N ASN A 544 11.19 -23.11 -24.66
CA ASN A 544 10.06 -23.10 -25.59
C ASN A 544 9.46 -24.50 -25.76
N ASP A 545 10.30 -25.53 -25.72
CA ASP A 545 9.77 -26.89 -25.76
C ASP A 545 8.89 -27.15 -24.55
N ARG A 546 9.38 -26.78 -23.35
CA ARG A 546 8.56 -26.93 -22.16
C ARG A 546 7.25 -26.16 -22.28
N ARG A 547 7.30 -24.97 -22.87
CA ARG A 547 6.11 -24.14 -23.02
C ARG A 547 5.07 -24.80 -23.92
N LYS A 548 5.52 -25.38 -25.03
CA LYS A 548 4.60 -26.04 -25.95
C LYS A 548 3.88 -27.20 -25.29
N LYS A 549 4.51 -27.84 -24.31
CA LYS A 549 3.91 -28.93 -23.58
C LYS A 549 3.12 -28.47 -22.35
N TRP A 550 3.19 -27.20 -21.97
CA TRP A 550 2.61 -26.75 -20.72
C TRP A 550 1.12 -26.51 -20.87
N THR A 551 0.35 -26.93 -19.86
CA THR A 551 -1.07 -26.67 -19.79
C THR A 551 -1.40 -25.93 -18.50
N ALA A 552 -2.20 -24.87 -18.61
CA ALA A 552 -2.54 -24.06 -17.44
C ALA A 552 -3.27 -24.91 -16.40
N PRO A 553 -2.91 -24.81 -15.12
CA PRO A 553 -3.66 -25.52 -14.09
C PRO A 553 -5.08 -24.98 -13.98
N ALA A 554 -5.97 -25.83 -13.48
CA ALA A 554 -7.34 -25.41 -13.15
C ALA A 554 -7.31 -24.31 -12.10
N TYR A 555 -8.21 -23.34 -12.23
CA TYR A 555 -8.37 -22.32 -11.20
C TYR A 555 -8.77 -22.99 -9.89
N LYS A 556 -8.25 -22.46 -8.79
CA LYS A 556 -8.51 -23.05 -7.48
C LYS A 556 -9.93 -22.76 -6.97
N VAL A 557 -10.61 -21.76 -7.53
CA VAL A 557 -11.98 -21.45 -7.11
C VAL A 557 -12.83 -21.35 -8.36
N ASN A 558 -14.13 -21.52 -8.18
CA ASN A 558 -15.04 -21.39 -9.31
C ASN A 558 -16.21 -20.47 -9.01
N ARG A 559 -16.24 -19.84 -7.82
CA ARG A 559 -17.33 -18.96 -7.43
C ARG A 559 -16.78 -17.88 -6.50
N GLY A 560 -17.59 -16.86 -6.25
CA GLY A 560 -17.28 -15.88 -5.22
C GLY A 560 -16.34 -14.77 -5.66
N VAL A 561 -15.99 -13.95 -4.68
CA VAL A 561 -15.21 -12.74 -4.94
C VAL A 561 -13.86 -13.07 -5.58
N LEU A 562 -13.25 -14.20 -5.21
CA LEU A 562 -11.94 -14.51 -5.76
C LEU A 562 -12.02 -15.08 -7.16
N TYR A 563 -13.15 -15.72 -7.54
CA TYR A 563 -13.26 -16.10 -8.94
C TYR A 563 -13.44 -14.87 -9.81
N LYS A 564 -14.18 -13.87 -9.32
CA LYS A 564 -14.27 -12.60 -10.03
C LYS A 564 -12.90 -11.94 -10.14
N TYR A 565 -12.12 -11.98 -9.05
CA TYR A 565 -10.76 -11.43 -9.15
C TYR A 565 -9.97 -12.11 -10.26
N ILE A 566 -10.01 -13.44 -10.31
CA ILE A 566 -9.32 -14.18 -11.36
C ILE A 566 -9.78 -13.71 -12.74
N LYS A 567 -11.08 -13.48 -12.90
CA LYS A 567 -11.58 -13.06 -14.20
C LYS A 567 -11.15 -11.64 -14.55
N ASN A 568 -10.87 -10.79 -13.55
CA ASN A 568 -10.69 -9.35 -13.80
C ASN A 568 -9.25 -8.83 -13.67
N VAL A 569 -8.36 -9.51 -12.96
CA VAL A 569 -7.12 -8.86 -12.50
C VAL A 569 -6.07 -8.88 -13.60
N GLN A 570 -5.37 -7.75 -13.73
CA GLN A 570 -4.22 -7.65 -14.60
C GLN A 570 -2.97 -8.08 -13.85
N SER A 571 -1.84 -8.07 -14.54
CA SER A 571 -0.62 -8.61 -13.97
C SER A 571 -0.09 -7.68 -12.88
N ALA A 572 0.84 -8.24 -12.09
CA ALA A 572 1.52 -7.47 -11.06
C ALA A 572 2.29 -6.29 -11.66
N SER A 573 2.92 -6.50 -12.82
CA SER A 573 3.58 -5.38 -13.46
C SER A 573 2.59 -4.29 -13.85
N ASP A 574 1.32 -4.65 -14.06
CA ASP A 574 0.25 -3.68 -14.33
C ASP A 574 -0.46 -3.25 -13.05
N GLY A 575 0.16 -3.45 -11.89
CA GLY A 575 -0.45 -3.03 -10.63
C GLY A 575 -1.65 -3.84 -10.18
N CYS A 576 -1.91 -4.99 -10.80
CA CYS A 576 -3.09 -5.82 -10.47
C CYS A 576 -4.39 -5.02 -10.46
N VAL A 577 -4.51 -4.07 -11.40
CA VAL A 577 -5.78 -3.39 -11.57
C VAL A 577 -6.82 -4.37 -12.09
N THR A 578 -8.09 -4.10 -11.80
CA THR A 578 -9.16 -5.03 -12.10
C THR A 578 -10.24 -4.45 -13.02
N ASP A 579 -10.20 -3.16 -13.34
CA ASP A 579 -11.26 -2.49 -14.05
C ASP A 579 -10.86 -2.09 -15.46
N GLU A 580 -9.98 -2.84 -16.10
CA GLU A 580 -9.55 -2.49 -17.44
C GLU A 580 -9.92 -3.57 -18.46
MG MG B . 0.11 -5.90 3.17
S SO4 C . -4.91 -22.75 5.54
O1 SO4 C . -4.18 -23.55 6.47
O2 SO4 C . -6.17 -23.39 5.21
O3 SO4 C . -5.19 -21.45 6.13
O4 SO4 C . -4.13 -22.57 4.34
C11 K0O D . 1.58 -7.23 8.08
C12 K0O D . 1.75 -6.03 7.13
C13 K0O D . 2.23 -6.47 5.72
C15 K0O D . 3.04 -5.30 4.93
O16 K0O D . 4.11 -5.54 4.39
C18 K0O D . 3.09 -7.77 5.84
C19 K0O D . 4.18 -8.06 6.93
C01 K0O D . 3.88 -8.30 8.43
C02 K0O D . 2.86 -7.22 8.92
C03 K0O D . 2.74 -7.51 10.39
C04 K0O D . 4.21 -7.79 10.80
C05 K0O D . 4.96 -8.27 9.55
C06 K0O D . 6.12 -8.97 9.64
C07 K0O D . 7.16 -8.90 8.55
C08 K0O D . 6.74 -9.34 10.95
C09 K0O D . 3.37 -5.79 8.76
O10 K0O D . 2.69 -5.15 7.68
O14 K0O D . 1.08 -6.70 4.98
O17 K0O D . 2.48 -4.17 4.93
C11 K0O E . -9.61 -25.21 -2.18
C12 K0O E . -9.34 -26.01 -0.88
C13 K0O E . -10.49 -25.84 0.17
C15 K0O E . -9.91 -26.20 1.61
O16 K0O E . -9.55 -27.41 1.77
C18 K0O E . -11.11 -24.38 0.16
C19 K0O E . -10.30 -23.02 -0.18
C01 K0O E . -9.73 -22.70 -1.59
C02 K0O E . -8.81 -23.91 -2.02
C03 K0O E . -8.06 -23.38 -3.23
C04 K0O E . -7.89 -21.85 -2.96
C05 K0O E . -8.93 -21.42 -1.93
C06 K0O E . -9.15 -20.13 -1.58
C07 K0O E . -10.34 -19.67 -0.74
C08 K0O E . -8.16 -19.04 -1.90
C09 K0O E . -7.76 -24.29 -0.92
O10 K0O E . -8.16 -25.53 -0.30
O14 K0O E . -11.46 -26.81 -0.10
O17 K0O E . -9.86 -25.29 2.44
FE1 FES F . -0.60 -3.70 9.25
FE2 FES F . -3.23 -3.09 9.18
S1 FES F . -1.51 -1.73 8.80
S2 FES F . -2.32 -5.09 9.26
#